data_1W3C
#
_entry.id   1W3C
#
_cell.length_a   92.411
_cell.length_b   92.411
_cell.length_c   80.007
_cell.angle_alpha   90.00
_cell.angle_beta   90.00
_cell.angle_gamma   120.00
#
_symmetry.space_group_name_H-M   'P 61'
#
loop_
_entity.id
_entity.type
_entity.pdbx_description
1 polymer 'PROTEASE/HELICASE NS3 (P70)'
2 polymer 'NONSTRUCTURAL PROTEIN NS4A (P4)'
3 non-polymer '3-({(2S)-2-[({(1R)-1-[({(1R)-1-[(R)-CARBOXY(HYDROXY)METHYL]-3,3-DIFLUOROPROPYL}AMINO)CARBONYL]-3-METHYLBUTYL}AMINO)CARB ONYL]-2,3-DIHYDRO-1H-INDOL-2-YL}METHYL)THIOPHENE-2-CARBOXYLIC ACID'
4 non-polymer '3-({(2S)-2-[({(1S)-1-[({(1S)-1-[(R)-CARBOXY(HYDROXY)METHYL]-3,3-DIFLUOROPROPYL}AMINO)CARBONYL]-3-METHYLBUTYL}AMINO)CARBONYL]-2,3-DIHYDRO-1H-INDOL-2-YL}METHYL)THIOPHENE-2-CARBOXYLIC ACID'
5 water water
#
loop_
_entity_poly.entity_id
_entity_poly.type
_entity_poly.pdbx_seq_one_letter_code
_entity_poly.pdbx_strand_id
1 'polypeptide(L)'
;APITAYSQQTRGLLGCIITSLTGRDKNQVDGEVQVLSTATQSFLATCVNGVCWTVYHGAGSKTLAGPKGPITQMYTNVDQ
DLVGWPAPPGARSMTPCTCGSSDLYLVTRHADVIPVRRRGDSRGSLLSPRPVSYLKGSSGGPLLCPSGHVVGIFRAAVCT
RGVAKAVDFIPVESMETTMRSPVFTDN
;
A,B
2 'polypeptide(L)' KGSVVIVGRIILSGRK C,D
#
loop_
_chem_comp.id
_chem_comp.type
_chem_comp.name
_chem_comp.formula
DN1 non-polymer '3-({(2S)-2-[({(1R)-1-[({(1R)-1-[(R)-CARBOXY(HYDROXY)METHYL]-3,3-DIFLUOROPROPYL}AMINO)CARBONYL]-3-METHYLBUTYL}AMINO)CARB ONYL]-2,3-DIHYDRO-1H-INDOL-2-YL}METHYL)THIOPHENE-2-CARBOXYLIC ACID' 'C26 H31 F2 N3 O7 S'
DN2 non-polymer '3-({(2S)-2-[({(1S)-1-[({(1S)-1-[(R)-CARBOXY(HYDROXY)METHYL]-3,3-DIFLUOROPROPYL}AMINO)CARBONYL]-3-METHYLBUTYL}AMINO)CARBONYL]-2,3-DIHYDRO-1H-INDOL-2-YL}METHYL)THIOPHENE-2-CARBOXYLIC ACID' 'C26 H31 F2 N3 O7 S'
#
# COMPACT_ATOMS: atom_id res chain seq x y z
N ILE A 3 -3.78 10.72 -2.70
CA ILE A 3 -3.32 11.83 -1.82
C ILE A 3 -2.16 12.61 -2.41
N THR A 4 -2.33 13.93 -2.48
CA THR A 4 -1.23 14.81 -2.85
C THR A 4 -0.93 15.88 -1.80
N ALA A 5 0.33 16.33 -1.77
CA ALA A 5 0.66 17.45 -0.89
C ALA A 5 1.58 18.47 -1.55
N TYR A 6 1.52 19.74 -1.13
CA TYR A 6 2.54 20.73 -1.43
C TYR A 6 2.78 21.65 -0.22
N SER A 7 4.01 22.16 -0.11
CA SER A 7 4.41 22.93 1.05
C SER A 7 4.62 24.40 0.74
N GLN A 8 4.61 25.17 1.83
CA GLN A 8 4.69 26.63 1.76
C GLN A 8 5.45 27.14 2.97
N GLN A 9 6.70 27.55 2.77
CA GLN A 9 7.47 28.16 3.84
C GLN A 9 6.88 29.52 4.15
N THR A 10 6.91 29.94 5.41
CA THR A 10 6.26 31.15 5.87
C THR A 10 7.23 32.04 6.64
N ARG A 11 8.37 31.50 6.99
CA ARG A 11 9.34 32.21 7.81
C ARG A 11 10.76 31.86 7.36
N GLY A 12 11.64 32.81 7.64
CA GLY A 12 13.06 32.55 7.57
C GLY A 12 13.66 32.50 8.97
N LEU A 13 14.99 32.52 9.00
CA LEU A 13 15.74 32.12 10.17
C LEU A 13 15.64 33.19 11.25
N LEU A 14 15.83 34.43 10.81
CA LEU A 14 15.87 35.52 11.78
C LEU A 14 14.52 35.56 12.48
N GLY A 15 13.44 35.58 11.69
CA GLY A 15 12.10 35.62 12.22
C GLY A 15 11.76 34.44 13.11
N CYS A 16 12.17 33.22 12.76
CA CYS A 16 11.96 32.09 13.66
C CYS A 16 12.54 32.36 15.05
N ILE A 17 13.83 32.64 15.10
CA ILE A 17 14.52 33.07 16.31
C ILE A 17 13.74 34.06 17.16
N ILE A 18 13.35 35.20 16.61
CA ILE A 18 12.69 36.24 17.39
C ILE A 18 11.31 35.82 17.88
N THR A 19 10.55 35.18 17.00
CA THR A 19 9.26 34.62 17.37
C THR A 19 9.35 33.65 18.54
N SER A 20 10.36 32.80 18.57
CA SER A 20 10.61 31.91 19.69
C SER A 20 10.79 32.68 21.00
N LEU A 21 11.47 33.81 20.96
CA LEU A 21 11.71 34.60 22.16
C LEU A 21 10.47 35.38 22.55
N THR A 22 9.69 35.83 21.57
CA THR A 22 8.48 36.57 21.92
C THR A 22 7.30 35.67 22.15
N GLY A 23 7.18 34.55 21.47
CA GLY A 23 5.97 33.75 21.66
C GLY A 23 4.85 34.33 20.80
N ARG A 24 5.15 35.37 20.02
CA ARG A 24 4.01 36.08 19.38
C ARG A 24 4.02 35.82 17.88
N ASP A 25 3.11 35.01 17.37
CA ASP A 25 3.14 34.67 15.94
C ASP A 25 2.03 35.45 15.23
N LYS A 26 2.24 36.52 14.51
CA LYS A 26 1.16 37.16 13.77
C LYS A 26 0.98 36.63 12.34
N ASN A 27 1.75 35.67 11.87
CA ASN A 27 1.47 35.11 10.54
C ASN A 27 0.13 34.37 10.55
N GLN A 28 -0.63 34.57 9.48
CA GLN A 28 -1.74 33.70 9.14
C GLN A 28 -1.28 32.26 8.89
N VAL A 29 -1.88 31.38 9.63
CA VAL A 29 -1.73 29.95 9.68
C VAL A 29 -2.71 29.27 8.72
N ASP A 30 -2.32 28.19 8.04
CA ASP A 30 -3.27 27.44 7.21
C ASP A 30 -2.74 26.03 6.94
N GLY A 31 -3.52 25.18 6.29
CA GLY A 31 -3.00 23.85 5.93
C GLY A 31 -3.25 22.87 7.07
N GLU A 32 -2.85 21.64 6.90
CA GLU A 32 -3.26 20.55 7.77
C GLU A 32 -2.13 20.24 8.74
N VAL A 33 -0.94 20.58 8.25
CA VAL A 33 0.30 20.12 8.85
C VAL A 33 1.22 21.32 8.99
N GLN A 34 1.63 21.62 10.21
CA GLN A 34 2.55 22.71 10.46
C GLN A 34 3.99 22.22 10.51
N VAL A 35 4.86 22.97 9.85
CA VAL A 35 6.31 22.77 9.91
C VAL A 35 6.81 23.62 11.07
N LEU A 36 7.27 22.97 12.11
CA LEU A 36 7.74 23.60 13.32
C LEU A 36 9.25 23.62 13.43
N SER A 37 9.72 24.59 14.20
CA SER A 37 11.14 24.60 14.53
C SER A 37 11.39 25.16 15.92
N THR A 38 12.35 24.59 16.61
CA THR A 38 13.00 25.22 17.74
C THR A 38 14.43 25.60 17.34
N ALA A 39 15.27 25.93 18.32
CA ALA A 39 16.68 26.20 18.08
C ALA A 39 17.39 24.91 17.65
N THR A 40 17.14 23.88 18.43
CA THR A 40 17.70 22.55 18.28
C THR A 40 17.16 21.79 17.07
N GLN A 41 15.85 21.80 16.84
CA GLN A 41 15.27 20.97 15.81
C GLN A 41 14.10 21.53 15.02
N SER A 42 13.81 20.78 13.94
CA SER A 42 12.69 21.01 13.06
C SER A 42 11.87 19.76 12.77
N PHE A 43 10.55 19.85 12.99
CA PHE A 43 9.62 18.72 12.94
C PHE A 43 8.27 19.20 12.45
N LEU A 44 7.23 18.41 12.58
CA LEU A 44 5.90 18.73 12.07
C LEU A 44 4.87 18.52 13.18
N ALA A 45 3.71 19.08 12.97
CA ALA A 45 2.51 18.89 13.79
C ALA A 45 1.31 18.68 12.87
N THR A 46 0.52 17.64 13.15
CA THR A 46 -0.73 17.36 12.47
C THR A 46 -1.92 17.89 13.27
N CYS A 47 -2.74 18.71 12.66
CA CYS A 47 -4.01 19.17 13.20
C CYS A 47 -5.16 18.20 12.97
N VAL A 48 -5.69 17.73 14.09
CA VAL A 48 -6.72 16.71 14.17
C VAL A 48 -7.74 17.16 15.22
N ASN A 49 -8.95 17.49 14.80
CA ASN A 49 -9.97 17.96 15.74
C ASN A 49 -9.57 19.19 16.55
N GLY A 50 -8.85 20.13 15.95
CA GLY A 50 -8.65 21.45 16.54
C GLY A 50 -7.57 21.46 17.60
N VAL A 51 -6.76 20.40 17.59
CA VAL A 51 -5.52 20.36 18.35
C VAL A 51 -4.36 20.19 17.37
N CYS A 52 -3.29 20.95 17.52
CA CYS A 52 -2.08 20.63 16.77
C CYS A 52 -1.24 19.66 17.58
N TRP A 53 -1.18 18.47 16.94
CA TRP A 53 -0.29 17.47 17.57
C TRP A 53 1.09 17.25 16.99
N THR A 54 1.99 16.83 17.88
CA THR A 54 3.38 16.59 17.57
C THR A 54 4.08 15.70 18.60
N VAL A 55 5.31 15.34 18.27
CA VAL A 55 6.11 14.45 19.09
C VAL A 55 6.73 15.17 20.29
N TYR A 56 6.64 14.54 21.45
CA TYR A 56 7.16 15.09 22.69
C TYR A 56 8.68 15.21 22.62
N HIS A 57 9.35 14.31 21.89
CA HIS A 57 10.81 14.38 21.82
C HIS A 57 11.30 15.54 20.98
N GLY A 58 10.40 16.15 20.23
CA GLY A 58 10.64 17.37 19.50
C GLY A 58 10.26 18.64 20.26
N ALA A 59 9.02 18.80 20.69
CA ALA A 59 8.54 20.03 21.29
C ALA A 59 8.91 20.16 22.77
N GLY A 60 9.15 19.00 23.38
CA GLY A 60 9.30 18.95 24.83
C GLY A 60 8.02 19.46 25.49
N SER A 61 8.14 20.30 26.52
CA SER A 61 6.95 20.90 27.10
C SER A 61 6.81 22.37 26.74
N LYS A 62 7.39 22.80 25.62
CA LYS A 62 7.39 24.20 25.22
C LYS A 62 6.06 24.71 24.65
N THR A 63 5.77 25.99 24.77
CA THR A 63 4.65 26.71 24.22
C THR A 63 4.86 26.84 22.70
N LEU A 64 3.76 27.09 22.03
CA LEU A 64 3.67 27.29 20.60
C LEU A 64 3.35 28.77 20.37
N ALA A 65 4.18 29.46 19.59
CA ALA A 65 3.90 30.90 19.39
C ALA A 65 2.61 31.07 18.61
N GLY A 66 1.83 32.04 19.07
CA GLY A 66 0.47 32.21 18.52
C GLY A 66 0.17 33.70 18.31
N PRO A 67 -1.03 34.00 17.81
CA PRO A 67 -1.40 35.34 17.41
C PRO A 67 -1.43 36.26 18.62
N LYS A 68 -1.86 35.70 19.75
CA LYS A 68 -1.87 36.37 21.03
C LYS A 68 -0.69 36.02 21.93
N GLY A 69 0.40 35.44 21.43
CA GLY A 69 1.48 35.05 22.35
C GLY A 69 1.46 33.53 22.57
N PRO A 70 2.35 33.07 23.42
CA PRO A 70 2.59 31.65 23.63
C PRO A 70 1.34 30.82 23.88
N ILE A 71 1.21 29.68 23.21
CA ILE A 71 0.06 28.79 23.48
C ILE A 71 0.51 27.65 24.41
N THR A 72 -0.08 27.46 25.58
CA THR A 72 0.33 26.38 26.46
C THR A 72 -0.12 25.03 25.90
N GLN A 73 0.68 23.99 26.06
CA GLN A 73 0.18 22.65 25.69
C GLN A 73 -1.10 22.32 26.45
N MET A 74 -2.11 21.81 25.77
CA MET A 74 -3.32 21.31 26.41
C MET A 74 -3.19 19.81 26.69
N TYR A 75 -2.31 19.15 25.95
CA TYR A 75 -2.10 17.71 26.19
C TYR A 75 -0.62 17.36 26.12
N THR A 76 -0.14 16.72 27.17
CA THR A 76 1.27 16.41 27.37
C THR A 76 1.41 14.98 27.92
N ASN A 77 1.80 14.03 27.07
CA ASN A 77 1.95 12.64 27.43
C ASN A 77 3.36 12.15 27.10
N VAL A 78 4.18 12.12 28.14
CA VAL A 78 5.59 11.80 27.88
C VAL A 78 5.78 10.36 27.50
N ASP A 79 4.92 9.44 27.97
CA ASP A 79 5.10 8.02 27.70
C ASP A 79 4.61 7.62 26.31
N GLN A 80 3.56 8.28 25.84
CA GLN A 80 3.10 8.10 24.45
C GLN A 80 3.87 9.03 23.52
N ASP A 81 4.84 9.81 24.00
CA ASP A 81 5.62 10.70 23.14
C ASP A 81 4.76 11.64 22.30
N LEU A 82 3.65 12.06 22.89
CA LEU A 82 2.63 12.89 22.28
C LEU A 82 2.37 14.22 22.98
N VAL A 83 2.42 15.36 22.31
CA VAL A 83 1.94 16.62 22.89
C VAL A 83 0.94 17.29 21.93
N GLY A 84 0.09 18.15 22.47
CA GLY A 84 -0.97 18.77 21.71
C GLY A 84 -1.21 20.22 22.19
N TRP A 85 -1.26 21.13 21.22
CA TRP A 85 -1.69 22.50 21.49
C TRP A 85 -3.03 22.80 20.81
N PRO A 86 -3.91 23.52 21.52
CA PRO A 86 -5.06 24.13 20.86
C PRO A 86 -4.62 24.67 19.50
N ALA A 87 -5.18 24.23 18.39
CA ALA A 87 -4.72 24.64 17.08
C ALA A 87 -4.95 26.13 16.80
N PRO A 88 -3.94 26.76 16.22
CA PRO A 88 -4.03 28.19 15.92
C PRO A 88 -5.15 28.37 14.92
N PRO A 89 -5.87 29.48 14.99
CA PRO A 89 -6.96 29.74 14.07
C PRO A 89 -6.42 29.82 12.65
N GLY A 90 -7.07 29.08 11.75
CA GLY A 90 -6.65 29.04 10.37
C GLY A 90 -6.14 27.64 10.01
N ALA A 91 -5.60 26.92 10.99
CA ALA A 91 -5.15 25.57 10.65
C ALA A 91 -6.35 24.76 10.14
N ARG A 92 -6.07 23.89 9.16
CA ARG A 92 -7.12 23.00 8.66
C ARG A 92 -7.13 21.65 9.39
N SER A 93 -8.20 21.38 10.14
CA SER A 93 -8.22 20.24 11.06
C SER A 93 -8.59 18.97 10.35
N MET A 94 -7.78 17.92 10.47
CA MET A 94 -8.09 16.64 9.86
C MET A 94 -9.04 15.85 10.75
N THR A 95 -9.56 14.74 10.26
CA THR A 95 -10.47 13.92 11.05
C THR A 95 -9.83 12.55 11.17
N PRO A 96 -9.98 11.94 12.34
CA PRO A 96 -9.38 10.65 12.61
C PRO A 96 -10.04 9.52 11.83
N CYS A 97 -9.20 8.61 11.32
CA CYS A 97 -9.65 7.63 10.34
C CYS A 97 -10.49 6.63 11.11
N THR A 98 -11.11 5.66 10.47
CA THR A 98 -11.97 4.69 11.13
C THR A 98 -12.43 3.70 10.06
N CYS A 99 -12.29 4.11 8.80
CA CYS A 99 -12.46 3.22 7.67
C CYS A 99 -11.45 2.07 7.77
N GLY A 100 -10.47 2.18 8.67
CA GLY A 100 -9.63 1.06 9.04
C GLY A 100 -8.89 0.47 7.84
N SER A 101 -8.26 1.30 7.02
CA SER A 101 -7.48 0.76 5.91
C SER A 101 -6.08 0.39 6.39
N SER A 102 -5.26 -0.26 5.55
CA SER A 102 -3.98 -0.75 6.07
C SER A 102 -2.79 -0.40 5.19
N ASP A 103 -2.97 -0.13 3.90
CA ASP A 103 -1.96 0.62 3.17
C ASP A 103 -2.16 2.08 3.58
N LEU A 104 -1.09 2.67 4.10
CA LEU A 104 -1.21 4.01 4.67
C LEU A 104 -0.31 4.98 3.92
N TYR A 105 -0.53 6.28 4.12
CA TYR A 105 0.30 7.29 3.49
C TYR A 105 0.99 8.25 4.44
N LEU A 106 2.33 8.20 4.45
CA LEU A 106 3.12 9.14 5.22
C LEU A 106 3.41 10.43 4.44
N VAL A 107 2.97 11.54 5.03
CA VAL A 107 3.31 12.85 4.47
C VAL A 107 4.57 13.36 5.16
N THR A 108 5.62 13.63 4.41
CA THR A 108 6.87 14.12 4.95
C THR A 108 6.99 15.64 5.00
N ARG A 109 8.08 16.12 5.59
CA ARG A 109 8.45 17.54 5.56
C ARG A 109 8.60 18.09 4.16
N HIS A 110 8.98 17.27 3.17
CA HIS A 110 9.18 17.77 1.79
C HIS A 110 7.87 17.69 0.99
N ALA A 111 6.80 17.42 1.75
CA ALA A 111 5.49 17.18 1.18
C ALA A 111 5.54 16.05 0.15
N ASP A 112 6.39 15.04 0.32
CA ASP A 112 6.12 13.79 -0.40
C ASP A 112 5.13 12.97 0.40
N VAL A 113 4.60 11.94 -0.26
CA VAL A 113 3.49 11.16 0.25
C VAL A 113 3.79 9.68 0.06
N ILE A 114 4.46 9.11 1.05
CA ILE A 114 5.03 7.77 0.87
C ILE A 114 4.20 6.65 1.44
N PRO A 115 4.04 5.59 0.63
CA PRO A 115 3.22 4.45 1.02
C PRO A 115 3.80 3.63 2.15
N VAL A 116 2.92 3.29 3.10
CA VAL A 116 3.38 2.56 4.29
C VAL A 116 2.37 1.44 4.51
N ARG A 117 2.92 0.24 4.71
CA ARG A 117 2.02 -0.89 5.01
C ARG A 117 1.88 -1.04 6.51
N ARG A 118 0.62 -0.91 6.94
CA ARG A 118 0.32 -1.07 8.37
C ARG A 118 0.68 -2.48 8.83
N ARG A 119 1.36 -2.54 9.96
CA ARG A 119 1.99 -3.74 10.46
C ARG A 119 1.46 -4.13 11.83
N GLY A 120 1.00 -3.13 12.56
CA GLY A 120 0.41 -3.34 13.87
C GLY A 120 -0.19 -2.01 14.31
N ASP A 121 -0.68 -1.97 15.55
CA ASP A 121 -1.28 -0.77 16.11
C ASP A 121 -0.55 0.50 15.74
N SER A 122 0.78 0.51 15.82
CA SER A 122 1.53 1.74 15.61
C SER A 122 2.89 1.44 14.99
N ARG A 123 2.93 0.42 14.12
CA ARG A 123 4.13 0.10 13.36
C ARG A 123 3.75 -0.06 11.88
N GLY A 124 4.64 0.39 11.01
CA GLY A 124 4.43 0.26 9.57
C GLY A 124 5.73 -0.12 8.86
N SER A 125 5.54 -0.79 7.71
CA SER A 125 6.72 -0.99 6.86
C SER A 125 6.60 -0.06 5.66
N LEU A 126 7.68 0.62 5.33
CA LEU A 126 7.73 1.41 4.10
C LEU A 126 7.51 0.52 2.89
N LEU A 127 6.74 0.95 1.91
CA LEU A 127 6.56 0.05 0.74
C LEU A 127 7.74 0.15 -0.20
N SER A 128 8.41 1.28 -0.31
CA SER A 128 9.75 1.30 -0.89
C SER A 128 10.74 2.14 -0.10
N PRO A 129 11.86 1.54 0.28
CA PRO A 129 12.88 2.21 1.07
C PRO A 129 13.15 3.63 0.62
N ARG A 130 13.38 4.44 1.65
CA ARG A 130 13.88 5.79 1.54
C ARG A 130 15.14 5.90 2.39
N PRO A 131 16.11 6.71 1.98
CA PRO A 131 17.12 7.20 2.92
C PRO A 131 16.49 7.76 4.17
N VAL A 132 17.08 7.54 5.34
CA VAL A 132 16.53 8.03 6.61
C VAL A 132 16.64 9.54 6.73
N SER A 133 17.70 10.12 6.21
CA SER A 133 17.92 11.54 6.02
C SER A 133 16.71 12.27 5.47
N TYR A 134 16.07 11.60 4.52
CA TYR A 134 14.87 12.07 3.86
C TYR A 134 13.67 12.12 4.80
N LEU A 135 13.67 11.30 5.84
CA LEU A 135 12.62 11.31 6.84
C LEU A 135 12.92 12.25 8.00
N LYS A 136 14.17 12.66 8.14
CA LYS A 136 14.58 13.57 9.19
C LYS A 136 13.83 14.90 9.13
N GLY A 137 13.28 15.37 10.26
CA GLY A 137 12.45 16.59 10.17
C GLY A 137 10.98 16.25 9.91
N SER A 138 10.59 14.96 9.87
CA SER A 138 9.21 14.64 9.54
C SER A 138 8.40 14.14 10.73
N SER A 139 9.06 13.93 11.86
CA SER A 139 8.39 13.56 13.09
C SER A 139 7.20 14.47 13.40
N GLY A 140 6.07 13.84 13.72
CA GLY A 140 4.86 14.65 13.93
C GLY A 140 3.98 14.59 12.68
N GLY A 141 4.52 14.10 11.57
CA GLY A 141 3.80 14.19 10.30
C GLY A 141 2.68 13.15 10.37
N PRO A 142 1.64 13.32 9.55
CA PRO A 142 0.51 12.45 9.49
C PRO A 142 0.69 11.16 8.69
N LEU A 143 0.07 10.09 9.22
CA LEU A 143 -0.08 8.85 8.47
C LEU A 143 -1.56 8.73 8.08
N LEU A 144 -1.79 8.79 6.79
CA LEU A 144 -3.14 8.94 6.27
C LEU A 144 -3.63 7.59 5.71
N CYS A 145 -4.92 7.37 5.80
CA CYS A 145 -5.50 6.26 5.01
C CYS A 145 -6.02 6.79 3.70
N PRO A 146 -6.44 5.88 2.81
CA PRO A 146 -6.72 6.26 1.43
C PRO A 146 -7.73 7.38 1.28
N SER A 147 -8.63 7.55 2.25
CA SER A 147 -9.70 8.51 2.25
C SER A 147 -9.31 9.87 2.85
N GLY A 148 -8.05 10.02 3.25
CA GLY A 148 -7.56 11.31 3.70
C GLY A 148 -7.66 11.49 5.20
N HIS A 149 -8.26 10.52 5.88
CA HIS A 149 -8.25 10.59 7.35
C HIS A 149 -6.88 10.17 7.90
N VAL A 150 -6.67 10.65 9.11
CA VAL A 150 -5.46 10.42 9.89
C VAL A 150 -5.50 9.20 10.79
N VAL A 151 -4.51 8.32 10.67
CA VAL A 151 -4.43 7.18 11.60
C VAL A 151 -3.35 7.38 12.64
N GLY A 152 -2.49 8.39 12.44
CA GLY A 152 -1.45 8.64 13.43
C GLY A 152 -0.41 9.63 12.98
N ILE A 153 0.58 9.86 13.86
CA ILE A 153 1.69 10.73 13.46
C ILE A 153 3.03 10.03 13.60
N PHE A 154 3.84 10.20 12.56
CA PHE A 154 5.19 9.63 12.56
C PHE A 154 5.95 9.94 13.85
N ARG A 155 6.51 8.90 14.46
CA ARG A 155 7.40 9.02 15.60
C ARG A 155 8.87 8.72 15.28
N ALA A 156 9.10 7.51 14.75
CA ALA A 156 10.46 7.00 14.64
C ALA A 156 10.62 6.08 13.43
N ALA A 157 11.79 6.18 12.78
CA ALA A 157 12.07 5.34 11.63
C ALA A 157 13.00 4.24 12.13
N VAL A 158 12.76 3.02 11.69
CA VAL A 158 13.67 1.91 11.92
C VAL A 158 14.43 1.66 10.63
N CYS A 159 15.76 1.70 10.75
CA CYS A 159 16.64 1.76 9.60
C CYS A 159 17.95 1.03 9.83
N THR A 160 18.58 0.52 8.76
CA THR A 160 19.97 0.08 8.88
C THR A 160 20.76 0.55 7.66
N ARG A 161 21.98 0.98 7.97
CA ARG A 161 22.93 1.39 6.94
C ARG A 161 22.42 2.59 6.15
N GLY A 162 21.53 3.36 6.78
CA GLY A 162 21.06 4.62 6.24
C GLY A 162 19.73 4.52 5.53
N VAL A 163 19.06 3.37 5.58
CA VAL A 163 17.82 3.21 4.84
C VAL A 163 16.66 2.95 5.81
N ALA A 164 15.62 3.75 5.68
CA ALA A 164 14.44 3.59 6.53
C ALA A 164 13.56 2.50 5.93
N LYS A 165 13.34 1.44 6.69
CA LYS A 165 12.50 0.35 6.20
C LYS A 165 11.12 0.41 6.86
N ALA A 166 11.10 0.73 8.14
CA ALA A 166 9.85 0.72 8.90
C ALA A 166 9.71 2.02 9.70
N VAL A 167 8.46 2.43 9.95
CA VAL A 167 8.27 3.60 10.81
C VAL A 167 7.53 3.13 12.06
N ASP A 168 7.74 3.90 13.12
CA ASP A 168 6.95 3.70 14.34
C ASP A 168 6.02 4.90 14.39
N PHE A 169 4.81 4.75 14.85
CA PHE A 169 3.89 5.89 14.82
C PHE A 169 3.02 5.88 16.06
N ILE A 170 2.47 7.03 16.41
CA ILE A 170 1.52 7.08 17.52
C ILE A 170 0.11 7.03 16.97
N PRO A 171 -0.66 5.99 17.32
CA PRO A 171 -2.04 5.88 16.91
C PRO A 171 -2.90 7.08 17.29
N VAL A 172 -3.80 7.43 16.39
CA VAL A 172 -4.80 8.48 16.59
C VAL A 172 -5.67 8.14 17.80
N GLU A 173 -5.90 6.84 17.96
CA GLU A 173 -6.51 6.24 19.12
C GLU A 173 -6.10 6.90 20.44
N SER A 174 -4.81 6.95 20.72
CA SER A 174 -4.15 7.61 21.82
C SER A 174 -4.40 9.10 21.94
N MET A 175 -4.57 9.80 20.81
CA MET A 175 -4.95 11.21 20.91
C MET A 175 -6.27 11.31 21.65
N GLU A 176 -7.22 10.59 21.31
N ILE B 3 2.06 -0.56 -6.84
CA ILE B 3 1.51 -1.56 -7.79
C ILE B 3 0.09 -1.25 -8.21
N THR B 4 -0.03 -0.90 -9.50
CA THR B 4 -1.34 -0.72 -10.12
C THR B 4 -1.56 -1.82 -11.17
N ALA B 5 -2.81 -1.97 -11.60
CA ALA B 5 -3.23 -3.02 -12.49
C ALA B 5 -4.49 -2.57 -13.22
N TYR B 6 -4.68 -2.96 -14.47
CA TYR B 6 -6.02 -2.84 -15.05
C TYR B 6 -6.19 -4.05 -15.96
N SER B 7 -7.43 -4.36 -16.31
CA SER B 7 -7.71 -5.45 -17.23
C SER B 7 -8.34 -4.96 -18.53
N GLN B 8 -8.20 -5.77 -19.57
CA GLN B 8 -8.88 -5.65 -20.85
C GLN B 8 -9.54 -6.98 -21.16
N GLN B 9 -10.85 -7.05 -21.30
CA GLN B 9 -11.47 -8.25 -21.85
C GLN B 9 -10.98 -8.41 -23.29
N THR B 10 -10.86 -9.61 -23.83
CA THR B 10 -10.35 -9.73 -25.21
C THR B 10 -11.36 -10.52 -26.04
N ARG B 11 -12.24 -11.24 -25.36
CA ARG B 11 -13.06 -12.21 -26.06
C ARG B 11 -14.43 -12.09 -25.39
N GLY B 12 -15.45 -12.55 -26.08
CA GLY B 12 -16.73 -12.71 -25.38
C GLY B 12 -17.15 -14.15 -25.52
N LEU B 13 -18.41 -14.46 -25.26
CA LEU B 13 -18.72 -15.86 -24.93
C LEU B 13 -18.81 -16.73 -26.18
N LEU B 14 -19.29 -16.20 -27.30
CA LEU B 14 -19.33 -17.01 -28.51
C LEU B 14 -17.90 -17.46 -28.88
N GLY B 15 -17.00 -16.51 -29.07
CA GLY B 15 -15.61 -16.78 -29.39
C GLY B 15 -14.91 -17.60 -28.32
N CYS B 16 -15.30 -17.49 -27.04
CA CYS B 16 -14.76 -18.39 -26.02
C CYS B 16 -15.13 -19.84 -26.33
N ILE B 17 -16.41 -20.08 -26.51
CA ILE B 17 -16.90 -21.42 -26.82
C ILE B 17 -16.27 -22.04 -28.06
N ILE B 18 -16.18 -21.36 -29.18
CA ILE B 18 -15.54 -21.89 -30.38
C ILE B 18 -14.03 -22.08 -30.17
N THR B 19 -13.44 -21.10 -29.47
CA THR B 19 -12.01 -21.17 -29.17
C THR B 19 -11.73 -22.37 -28.28
N SER B 20 -12.58 -22.73 -27.31
CA SER B 20 -12.26 -23.98 -26.63
C SER B 20 -12.39 -25.16 -27.61
N LEU B 21 -13.23 -25.08 -28.64
CA LEU B 21 -13.47 -26.32 -29.40
C LEU B 21 -12.31 -26.48 -30.37
N THR B 22 -11.78 -25.33 -30.82
CA THR B 22 -10.80 -25.42 -31.89
C THR B 22 -9.38 -25.47 -31.33
N GLY B 23 -9.19 -24.90 -30.13
CA GLY B 23 -7.84 -24.76 -29.61
C GLY B 23 -7.03 -23.67 -30.30
N ARG B 24 -7.64 -22.86 -31.16
CA ARG B 24 -6.84 -21.89 -31.92
C ARG B 24 -7.20 -20.47 -31.49
N ASP B 25 -6.32 -19.79 -30.74
CA ASP B 25 -6.59 -18.40 -30.39
C ASP B 25 -5.65 -17.53 -31.23
N LYS B 26 -6.23 -16.72 -32.08
CA LYS B 26 -5.42 -15.87 -32.95
C LYS B 26 -5.31 -14.48 -32.33
N ASN B 27 -5.93 -14.23 -31.18
CA ASN B 27 -5.80 -12.94 -30.53
C ASN B 27 -4.32 -12.70 -30.18
N GLN B 28 -3.95 -11.43 -30.24
CA GLN B 28 -2.77 -10.98 -29.54
C GLN B 28 -2.98 -11.18 -28.03
N VAL B 29 -1.95 -11.75 -27.43
CA VAL B 29 -1.82 -11.87 -25.99
C VAL B 29 -0.93 -10.77 -25.44
N ASP B 30 -1.26 -10.22 -24.28
CA ASP B 30 -0.39 -9.21 -23.64
C ASP B 30 -0.66 -9.31 -22.15
N GLY B 31 0.09 -8.61 -21.29
CA GLY B 31 -0.22 -8.65 -19.86
C GLY B 31 0.57 -9.73 -19.12
N GLU B 32 0.88 -9.49 -17.85
CA GLU B 32 1.42 -10.49 -16.95
C GLU B 32 0.45 -11.61 -16.54
N VAL B 33 -0.85 -11.36 -16.65
CA VAL B 33 -1.83 -12.21 -15.98
C VAL B 33 -2.92 -12.46 -17.00
N GLN B 34 -3.24 -13.71 -17.26
CA GLN B 34 -4.24 -14.02 -18.30
C GLN B 34 -5.55 -14.36 -17.62
N VAL B 35 -6.67 -13.79 -18.05
CA VAL B 35 -7.97 -14.22 -17.50
C VAL B 35 -8.38 -15.43 -18.33
N LEU B 36 -8.62 -16.55 -17.67
CA LEU B 36 -8.93 -17.79 -18.38
C LEU B 36 -10.38 -18.23 -18.13
N SER B 37 -10.87 -18.95 -19.15
CA SER B 37 -12.17 -19.58 -19.01
C SER B 37 -12.20 -20.97 -19.66
N THR B 38 -12.89 -21.86 -19.00
CA THR B 38 -13.44 -23.06 -19.63
C THR B 38 -14.97 -22.92 -19.64
N ALA B 39 -15.74 -23.99 -19.78
CA ALA B 39 -17.19 -23.82 -19.74
C ALA B 39 -17.72 -23.91 -18.31
N THR B 40 -17.06 -24.69 -17.46
CA THR B 40 -17.38 -24.65 -16.04
C THR B 40 -16.79 -23.43 -15.35
N GLN B 41 -15.49 -23.18 -15.45
CA GLN B 41 -14.83 -22.25 -14.53
C GLN B 41 -14.24 -21.01 -15.21
N SER B 42 -13.99 -19.98 -14.39
CA SER B 42 -13.12 -18.88 -14.83
C SER B 42 -12.09 -18.62 -13.71
N PHE B 43 -10.86 -18.35 -14.19
CA PHE B 43 -9.72 -18.20 -13.29
C PHE B 43 -8.59 -17.50 -14.04
N LEU B 44 -7.41 -17.46 -13.43
CA LEU B 44 -6.32 -16.63 -13.89
C LEU B 44 -5.08 -17.53 -14.02
N ALA B 45 -4.13 -17.07 -14.79
CA ALA B 45 -2.82 -17.68 -15.00
C ALA B 45 -1.81 -16.56 -14.82
N THR B 46 -0.73 -16.74 -14.09
CA THR B 46 0.33 -15.78 -13.87
C THR B 46 1.56 -16.21 -14.68
N CYS B 47 2.13 -15.35 -15.47
CA CYS B 47 3.21 -15.70 -16.39
C CYS B 47 4.52 -15.40 -15.68
N VAL B 48 5.31 -16.43 -15.49
CA VAL B 48 6.54 -16.32 -14.70
C VAL B 48 7.62 -17.08 -15.47
N ASN B 49 8.68 -16.42 -15.89
CA ASN B 49 9.80 -17.12 -16.53
C ASN B 49 9.39 -17.87 -17.78
N GLY B 50 8.56 -17.26 -18.63
CA GLY B 50 8.09 -17.86 -19.84
C GLY B 50 7.06 -18.97 -19.76
N VAL B 51 6.43 -19.21 -18.61
CA VAL B 51 5.33 -20.16 -18.48
C VAL B 51 4.10 -19.49 -17.90
N CYS B 52 2.91 -19.81 -18.36
CA CYS B 52 1.68 -19.41 -17.67
C CYS B 52 1.26 -20.48 -16.66
N TRP B 53 1.29 -20.14 -15.40
CA TRP B 53 1.01 -21.07 -14.32
C TRP B 53 -0.42 -20.93 -13.83
N THR B 54 -1.13 -22.00 -13.56
CA THR B 54 -2.43 -21.79 -12.87
C THR B 54 -2.70 -22.98 -11.97
N VAL B 55 -3.91 -23.00 -11.42
CA VAL B 55 -4.32 -24.04 -10.49
C VAL B 55 -4.87 -25.26 -11.21
N TYR B 56 -4.31 -26.42 -10.89
CA TYR B 56 -4.76 -27.68 -11.45
C TYR B 56 -6.25 -27.89 -11.30
N HIS B 57 -6.85 -27.43 -10.19
CA HIS B 57 -8.27 -27.53 -9.93
C HIS B 57 -9.07 -26.72 -10.94
N GLY B 58 -8.45 -25.67 -11.46
CA GLY B 58 -8.99 -24.93 -12.58
C GLY B 58 -8.77 -25.58 -13.93
N ALA B 59 -7.53 -25.67 -14.40
CA ALA B 59 -7.25 -26.19 -15.73
C ALA B 59 -7.38 -27.71 -15.84
N GLY B 60 -7.44 -28.50 -14.78
CA GLY B 60 -7.24 -29.95 -14.92
C GLY B 60 -6.15 -30.29 -15.92
N SER B 61 -6.40 -31.13 -16.94
CA SER B 61 -5.22 -31.50 -17.77
C SER B 61 -5.35 -30.82 -19.13
N LYS B 62 -6.34 -29.91 -19.24
CA LYS B 62 -6.65 -29.27 -20.50
C LYS B 62 -5.47 -28.53 -21.15
N THR B 63 -5.53 -28.46 -22.47
CA THR B 63 -4.61 -27.60 -23.21
C THR B 63 -5.08 -26.14 -23.08
N LEU B 64 -4.23 -25.23 -23.51
CA LEU B 64 -4.50 -23.82 -23.60
C LEU B 64 -4.64 -23.38 -25.05
N ALA B 65 -5.68 -22.63 -25.39
CA ALA B 65 -5.88 -22.31 -26.82
C ALA B 65 -4.77 -21.31 -27.19
N GLY B 66 -4.17 -21.48 -28.36
CA GLY B 66 -2.90 -20.78 -28.65
C GLY B 66 -2.87 -20.44 -30.13
N PRO B 67 -1.93 -19.59 -30.52
CA PRO B 67 -1.83 -19.15 -31.90
C PRO B 67 -1.65 -20.27 -32.89
N LYS B 68 -0.98 -21.36 -32.56
CA LYS B 68 -0.86 -22.48 -33.51
C LYS B 68 -1.83 -23.63 -33.22
N GLY B 69 -2.87 -23.42 -32.42
CA GLY B 69 -3.70 -24.53 -31.96
C GLY B 69 -3.30 -24.85 -30.52
N PRO B 70 -3.89 -25.90 -29.98
CA PRO B 70 -3.87 -26.22 -28.57
C PRO B 70 -2.47 -26.34 -28.01
N ILE B 71 -2.23 -25.75 -26.83
CA ILE B 71 -0.92 -25.87 -26.20
C ILE B 71 -0.94 -26.89 -25.06
N THR B 72 -0.04 -27.85 -25.15
CA THR B 72 0.12 -28.87 -24.13
C THR B 72 0.80 -28.33 -22.89
N GLN B 73 0.23 -28.66 -21.73
CA GLN B 73 0.91 -28.29 -20.49
C GLN B 73 2.33 -28.86 -20.51
N MET B 74 3.28 -28.07 -20.04
CA MET B 74 4.66 -28.46 -19.85
C MET B 74 4.85 -28.94 -18.41
N TYR B 75 3.93 -28.55 -17.53
CA TYR B 75 4.06 -28.94 -16.12
C TYR B 75 2.68 -29.25 -15.56
N THR B 76 2.48 -30.45 -15.05
CA THR B 76 1.23 -30.87 -14.43
C THR B 76 1.53 -31.49 -13.06
N ASN B 77 1.33 -30.75 -11.97
CA ASN B 77 1.57 -31.33 -10.65
C ASN B 77 0.31 -31.28 -9.79
N VAL B 78 -0.37 -32.41 -9.72
CA VAL B 78 -1.67 -32.49 -9.08
C VAL B 78 -1.57 -32.23 -7.58
N ASP B 79 -0.45 -32.66 -6.99
CA ASP B 79 -0.37 -32.63 -5.51
C ASP B 79 -0.17 -31.17 -5.10
N GLN B 80 0.75 -30.48 -5.76
CA GLN B 80 0.89 -29.03 -5.56
C GLN B 80 -0.20 -28.26 -6.27
N ASP B 81 -1.19 -28.93 -6.82
CA ASP B 81 -2.31 -28.23 -7.45
C ASP B 81 -1.90 -27.24 -8.52
N LEU B 82 -0.81 -27.52 -9.24
CA LEU B 82 -0.24 -26.50 -10.11
C LEU B 82 -0.12 -27.00 -11.55
N VAL B 83 -0.57 -26.26 -12.56
CA VAL B 83 -0.14 -26.63 -13.90
C VAL B 83 0.53 -25.40 -14.54
N GLY B 84 1.34 -25.71 -15.57
CA GLY B 84 1.88 -24.66 -16.39
C GLY B 84 1.90 -25.02 -17.88
N TRP B 85 1.74 -23.99 -18.70
CA TRP B 85 1.86 -24.05 -20.13
C TRP B 85 2.92 -23.06 -20.62
N PRO B 86 3.71 -23.46 -21.61
CA PRO B 86 4.56 -22.51 -22.32
C PRO B 86 3.79 -21.24 -22.69
N ALA B 87 4.29 -20.07 -22.29
CA ALA B 87 3.53 -18.83 -22.49
C ALA B 87 3.44 -18.52 -23.99
N PRO B 88 2.22 -18.22 -24.42
CA PRO B 88 2.00 -17.72 -25.77
C PRO B 88 2.86 -16.48 -26.01
N PRO B 89 3.43 -16.36 -27.20
CA PRO B 89 4.12 -15.14 -27.61
C PRO B 89 3.38 -13.91 -27.13
N GLY B 90 4.04 -13.01 -26.43
CA GLY B 90 3.41 -11.73 -26.10
C GLY B 90 2.98 -11.61 -24.66
N ALA B 91 2.94 -12.69 -23.88
CA ALA B 91 2.60 -12.55 -22.46
C ALA B 91 3.73 -11.81 -21.78
N ARG B 92 3.44 -10.98 -20.78
CA ARG B 92 4.53 -10.29 -20.07
C ARG B 92 5.04 -11.14 -18.90
N SER B 93 6.21 -11.74 -19.05
CA SER B 93 6.74 -12.68 -18.09
C SER B 93 7.25 -12.00 -16.83
N MET B 94 6.72 -12.33 -15.66
CA MET B 94 7.21 -11.77 -14.40
C MET B 94 8.41 -12.52 -13.85
N THR B 95 9.09 -11.95 -12.85
CA THR B 95 10.25 -12.65 -12.27
C THR B 95 9.94 -12.99 -10.82
N PRO B 96 10.45 -14.12 -10.38
CA PRO B 96 10.21 -14.55 -9.01
C PRO B 96 10.79 -13.59 -7.98
N CYS B 97 10.01 -13.37 -6.91
CA CYS B 97 10.47 -12.56 -5.79
C CYS B 97 11.54 -13.34 -5.05
N THR B 98 12.62 -12.65 -4.71
CA THR B 98 13.72 -13.19 -3.94
C THR B 98 14.14 -12.11 -2.94
N CYS B 99 13.51 -10.95 -3.07
CA CYS B 99 13.64 -9.89 -2.08
C CYS B 99 13.21 -10.36 -0.70
N GLY B 100 12.33 -11.35 -0.65
CA GLY B 100 11.88 -11.89 0.64
C GLY B 100 11.18 -10.76 1.41
N SER B 101 10.04 -10.33 0.88
CA SER B 101 9.19 -9.42 1.62
C SER B 101 8.03 -10.22 2.21
N SER B 102 7.51 -9.70 3.30
CA SER B 102 6.32 -10.26 3.93
C SER B 102 5.08 -9.42 3.61
N ASP B 103 5.33 -8.24 3.02
CA ASP B 103 4.25 -7.36 2.60
C ASP B 103 3.90 -7.70 1.16
N LEU B 104 2.84 -8.50 1.03
CA LEU B 104 2.51 -9.03 -0.28
C LEU B 104 1.27 -8.29 -0.77
N TYR B 105 0.99 -8.53 -2.03
CA TYR B 105 -0.20 -8.08 -2.70
C TYR B 105 -0.77 -9.28 -3.48
N LEU B 106 -2.06 -9.48 -3.36
CA LEU B 106 -2.85 -10.31 -4.26
C LEU B 106 -3.48 -9.46 -5.36
N VAL B 107 -3.30 -9.90 -6.61
CA VAL B 107 -3.94 -9.26 -7.77
C VAL B 107 -5.18 -10.05 -8.15
N THR B 108 -6.37 -9.43 -8.18
CA THR B 108 -7.60 -10.20 -8.35
C THR B 108 -7.99 -10.13 -9.82
N ARG B 109 -9.03 -10.85 -10.20
CA ARG B 109 -9.54 -10.86 -11.57
C ARG B 109 -10.08 -9.49 -11.94
N HIS B 110 -10.58 -8.78 -10.93
CA HIS B 110 -11.13 -7.45 -11.13
C HIS B 110 -10.02 -6.41 -11.20
N ALA B 111 -8.77 -6.84 -11.21
CA ALA B 111 -7.62 -5.94 -11.32
C ALA B 111 -7.57 -5.03 -10.09
N ASP B 112 -8.00 -5.56 -8.96
CA ASP B 112 -7.62 -5.00 -7.68
C ASP B 112 -6.28 -5.53 -7.18
N VAL B 113 -5.54 -4.67 -6.48
CA VAL B 113 -4.25 -5.03 -5.90
C VAL B 113 -4.39 -4.97 -4.38
N ILE B 114 -4.68 -6.12 -3.78
CA ILE B 114 -5.03 -6.06 -2.36
C ILE B 114 -3.92 -6.60 -1.45
N PRO B 115 -3.70 -5.82 -0.37
CA PRO B 115 -2.72 -6.07 0.63
C PRO B 115 -2.86 -7.39 1.37
N VAL B 116 -1.74 -8.12 1.40
CA VAL B 116 -1.75 -9.42 2.04
C VAL B 116 -0.53 -9.48 2.95
N ARG B 117 -0.65 -10.00 4.17
CA ARG B 117 0.55 -10.24 4.96
C ARG B 117 0.94 -11.72 5.03
N ARG B 118 2.16 -11.98 4.58
CA ARG B 118 2.65 -13.37 4.54
C ARG B 118 2.68 -13.94 5.95
N ARG B 119 2.19 -15.14 6.12
CA ARG B 119 2.05 -15.84 7.38
C ARG B 119 2.67 -17.24 7.31
N GLY B 120 3.65 -17.43 6.45
CA GLY B 120 4.32 -18.73 6.30
C GLY B 120 4.44 -19.02 4.80
N ASP B 121 5.21 -20.05 4.44
CA ASP B 121 5.48 -20.30 3.03
C ASP B 121 4.23 -20.31 2.17
N SER B 122 3.08 -20.79 2.62
CA SER B 122 1.92 -20.89 1.76
C SER B 122 0.67 -20.18 2.25
N ARG B 123 0.82 -19.16 3.11
CA ARG B 123 -0.38 -18.46 3.58
C ARG B 123 -0.13 -16.99 3.86
N GLY B 124 -1.23 -16.24 3.86
CA GLY B 124 -1.22 -14.80 4.00
C GLY B 124 -2.53 -14.36 4.66
N SER B 125 -2.51 -13.34 5.51
CA SER B 125 -3.79 -12.80 5.99
C SER B 125 -4.18 -11.60 5.14
N LEU B 126 -5.49 -11.47 4.89
CA LEU B 126 -5.98 -10.29 4.17
C LEU B 126 -6.12 -9.16 5.18
N LEU B 127 -5.33 -8.12 5.10
CA LEU B 127 -5.46 -6.96 5.97
C LEU B 127 -6.87 -6.41 6.04
N SER B 128 -7.61 -6.38 4.95
CA SER B 128 -9.03 -6.04 4.97
C SER B 128 -9.86 -7.13 4.29
N PRO B 129 -10.63 -7.87 5.07
CA PRO B 129 -11.45 -8.95 4.58
C PRO B 129 -12.27 -8.58 3.36
N ARG B 130 -12.30 -9.48 2.37
CA ARG B 130 -13.14 -9.33 1.20
C ARG B 130 -14.21 -10.42 1.24
N PRO B 131 -15.42 -10.12 0.78
CA PRO B 131 -16.40 -11.16 0.52
C PRO B 131 -15.75 -12.22 -0.36
N VAL B 132 -15.98 -13.50 -0.08
CA VAL B 132 -15.36 -14.55 -0.88
C VAL B 132 -15.82 -14.49 -2.33
N SER B 133 -17.07 -14.11 -2.56
CA SER B 133 -17.64 -13.95 -3.89
C SER B 133 -16.75 -13.10 -4.79
N TYR B 134 -16.29 -12.00 -4.22
CA TYR B 134 -15.33 -11.12 -4.87
C TYR B 134 -14.01 -11.77 -5.27
N LEU B 135 -13.56 -12.83 -4.61
CA LEU B 135 -12.33 -13.54 -4.86
C LEU B 135 -12.51 -14.69 -5.85
N LYS B 136 -13.77 -15.04 -6.09
CA LYS B 136 -14.15 -16.10 -7.00
C LYS B 136 -13.71 -15.83 -8.44
N GLY B 137 -13.01 -16.76 -9.07
CA GLY B 137 -12.43 -16.43 -10.38
C GLY B 137 -11.03 -15.84 -10.30
N SER B 138 -10.37 -15.73 -9.13
CA SER B 138 -9.09 -15.07 -9.04
C SER B 138 -7.97 -16.09 -8.82
N SER B 139 -8.41 -17.33 -8.83
CA SER B 139 -7.49 -18.45 -8.60
C SER B 139 -6.43 -18.52 -9.70
N GLY B 140 -5.18 -18.69 -9.29
CA GLY B 140 -4.06 -18.61 -10.22
C GLY B 140 -3.49 -17.20 -10.33
N GLY B 141 -4.16 -16.22 -9.72
CA GLY B 141 -3.62 -14.85 -9.81
C GLY B 141 -2.37 -14.79 -8.91
N PRO B 142 -1.58 -13.75 -9.08
CA PRO B 142 -0.27 -13.69 -8.43
C PRO B 142 -0.34 -12.97 -7.09
N LEU B 143 0.44 -13.48 -6.13
CA LEU B 143 0.84 -12.71 -4.97
C LEU B 143 2.23 -12.10 -5.27
N LEU B 144 2.30 -10.80 -5.12
CA LEU B 144 3.44 -9.99 -5.48
C LEU B 144 4.12 -9.45 -4.22
N CYS B 145 5.44 -9.31 -4.30
CA CYS B 145 6.15 -8.45 -3.34
C CYS B 145 6.00 -7.01 -3.79
N PRO B 146 6.31 -6.06 -2.93
CA PRO B 146 6.18 -4.64 -3.21
C PRO B 146 6.93 -4.16 -4.43
N SER B 147 7.98 -4.89 -4.79
CA SER B 147 8.76 -4.63 -6.00
C SER B 147 8.08 -5.25 -7.23
N GLY B 148 6.95 -5.93 -7.06
CA GLY B 148 6.23 -6.47 -8.20
C GLY B 148 6.88 -7.77 -8.66
N HIS B 149 7.63 -8.46 -7.82
CA HIS B 149 8.05 -9.82 -8.20
C HIS B 149 7.05 -10.82 -7.63
N VAL B 150 7.02 -12.04 -8.16
CA VAL B 150 5.98 -13.00 -7.83
C VAL B 150 6.50 -13.89 -6.70
N VAL B 151 5.69 -13.99 -5.64
CA VAL B 151 6.11 -14.90 -4.59
C VAL B 151 5.23 -16.12 -4.68
N GLY B 152 4.14 -16.04 -5.48
CA GLY B 152 3.30 -17.23 -5.57
C GLY B 152 2.01 -16.93 -6.33
N ILE B 153 1.11 -17.89 -6.30
CA ILE B 153 -0.08 -17.94 -7.14
C ILE B 153 -1.25 -18.41 -6.29
N PHE B 154 -2.30 -17.61 -6.31
CA PHE B 154 -3.45 -17.82 -5.44
C PHE B 154 -4.18 -19.11 -5.70
N ARG B 155 -4.45 -19.81 -4.58
CA ARG B 155 -5.08 -21.13 -4.68
C ARG B 155 -6.43 -21.20 -4.01
N ALA B 156 -6.47 -20.86 -2.71
CA ALA B 156 -7.74 -21.00 -1.96
C ALA B 156 -7.82 -19.90 -0.90
N ALA B 157 -9.06 -19.66 -0.48
CA ALA B 157 -9.26 -18.67 0.57
C ALA B 157 -9.78 -19.37 1.83
N VAL B 158 -9.31 -18.84 2.95
CA VAL B 158 -9.82 -19.36 4.24
C VAL B 158 -10.83 -18.32 4.69
N CYS B 159 -12.05 -18.80 4.92
CA CYS B 159 -13.16 -17.89 5.13
C CYS B 159 -14.12 -18.33 6.26
N THR B 160 -14.89 -17.33 6.69
CA THR B 160 -16.04 -17.63 7.52
C THR B 160 -17.15 -16.60 7.39
N ARG B 161 -18.36 -17.18 7.37
CA ARG B 161 -19.60 -16.41 7.24
C ARG B 161 -19.51 -15.73 5.88
N GLY B 162 -18.87 -16.44 4.94
CA GLY B 162 -18.78 -16.00 3.56
C GLY B 162 -17.77 -14.87 3.38
N VAL B 163 -16.91 -14.67 4.37
CA VAL B 163 -15.98 -13.56 4.40
C VAL B 163 -14.54 -14.11 4.43
N ALA B 164 -13.82 -13.79 3.37
CA ALA B 164 -12.45 -14.24 3.19
C ALA B 164 -11.57 -13.42 4.13
N LYS B 165 -10.84 -14.07 5.02
CA LYS B 165 -9.92 -13.43 5.93
C LYS B 165 -8.47 -13.76 5.60
N ALA B 166 -8.22 -14.87 4.89
CA ALA B 166 -6.85 -15.28 4.60
C ALA B 166 -6.84 -16.05 3.29
N VAL B 167 -5.69 -16.16 2.64
CA VAL B 167 -5.55 -16.86 1.39
C VAL B 167 -4.44 -17.91 1.45
N ASP B 168 -4.69 -19.07 0.84
CA ASP B 168 -3.64 -20.07 0.61
C ASP B 168 -3.06 -19.85 -0.77
N PHE B 169 -1.74 -19.98 -0.91
CA PHE B 169 -1.13 -19.79 -2.21
C PHE B 169 -0.12 -20.91 -2.50
N ILE B 170 0.27 -21.04 -3.77
CA ILE B 170 1.35 -21.96 -4.11
C ILE B 170 2.65 -21.18 -4.26
N PRO B 171 3.59 -21.40 -3.34
CA PRO B 171 4.88 -20.76 -3.33
C PRO B 171 5.59 -21.02 -4.64
N VAL B 172 6.35 -19.99 -4.99
CA VAL B 172 7.01 -19.85 -6.28
C VAL B 172 8.23 -20.74 -6.38
N GLU B 173 8.77 -21.15 -5.22
CA GLU B 173 9.85 -22.13 -5.21
C GLU B 173 9.39 -23.46 -5.79
N SER B 174 8.15 -23.83 -5.54
CA SER B 174 7.51 -24.98 -6.16
C SER B 174 7.37 -24.88 -7.67
N MET B 175 7.27 -23.66 -8.19
CA MET B 175 7.22 -23.45 -9.63
C MET B 175 8.61 -23.63 -10.22
N GLU B 176 9.53 -22.90 -9.77
N GLY C 2 12.97 28.88 24.09
CA GLY C 2 11.68 29.62 23.93
C GLY C 2 10.58 28.80 23.27
N SER C 3 9.71 29.47 22.50
CA SER C 3 8.55 28.80 21.95
C SER C 3 8.95 27.98 20.70
N VAL C 4 8.09 27.00 20.43
CA VAL C 4 8.05 26.36 19.12
C VAL C 4 7.41 27.31 18.10
N VAL C 5 8.02 27.41 16.92
CA VAL C 5 7.54 28.37 15.92
C VAL C 5 7.13 27.68 14.62
N ILE C 6 5.95 28.04 14.13
CA ILE C 6 5.48 27.55 12.83
C ILE C 6 6.24 28.28 11.74
N VAL C 7 7.07 27.58 10.98
CA VAL C 7 7.86 28.24 9.94
C VAL C 7 7.39 27.89 8.54
N GLY C 8 6.33 27.10 8.44
CA GLY C 8 5.74 26.70 7.18
C GLY C 8 4.55 25.76 7.36
N ARG C 9 3.94 25.35 6.25
CA ARG C 9 2.81 24.43 6.32
C ARG C 9 2.80 23.50 5.11
N ILE C 10 2.06 22.42 5.30
CA ILE C 10 1.77 21.49 4.21
C ILE C 10 0.27 21.44 3.97
N ILE C 11 -0.10 21.76 2.72
CA ILE C 11 -1.48 21.67 2.28
C ILE C 11 -1.82 20.31 1.68
N LEU C 12 -2.92 19.70 2.13
CA LEU C 12 -3.32 18.37 1.69
C LEU C 12 -4.48 18.41 0.70
N SER C 13 -4.29 17.66 -0.38
CA SER C 13 -5.29 17.51 -1.42
C SER C 13 -5.75 16.05 -1.52
N GLY C 14 -6.98 15.85 -1.38
N GLY D 2 -13.27 -29.04 -23.50
CA GLY D 2 -12.04 -28.97 -24.33
C GLY D 2 -10.94 -28.05 -23.82
N SER D 3 -10.59 -27.05 -24.62
CA SER D 3 -9.40 -26.22 -24.34
C SER D 3 -9.70 -25.02 -23.45
N VAL D 4 -8.80 -24.64 -22.56
CA VAL D 4 -8.81 -23.40 -21.81
C VAL D 4 -8.53 -22.19 -22.72
N VAL D 5 -9.26 -21.09 -22.43
CA VAL D 5 -9.24 -19.95 -23.35
C VAL D 5 -8.90 -18.65 -22.62
N ILE D 6 -7.96 -17.90 -23.17
CA ILE D 6 -7.73 -16.53 -22.72
C ILE D 6 -8.89 -15.64 -23.14
N VAL D 7 -9.72 -15.20 -22.19
CA VAL D 7 -10.81 -14.30 -22.50
C VAL D 7 -10.50 -12.86 -22.10
N GLY D 8 -9.33 -12.63 -21.50
CA GLY D 8 -8.87 -11.30 -21.12
C GLY D 8 -7.50 -11.26 -20.46
N ARG D 9 -7.07 -10.07 -20.01
CA ARG D 9 -5.79 -9.98 -19.30
C ARG D 9 -5.71 -8.74 -18.42
N ILE D 10 -4.72 -8.84 -17.55
CA ILE D 10 -4.47 -7.88 -16.48
C ILE D 10 -3.06 -7.36 -16.68
N ILE D 11 -2.98 -6.05 -16.78
CA ILE D 11 -1.71 -5.36 -17.06
C ILE D 11 -1.22 -4.74 -15.76
N LEU D 12 0.00 -5.11 -15.39
CA LEU D 12 0.60 -4.69 -14.14
C LEU D 12 1.53 -3.49 -14.29
N SER D 13 1.39 -2.58 -13.33
CA SER D 13 2.19 -1.36 -13.28
C SER D 13 2.77 -1.09 -11.90
N GLY D 14 2.12 -1.32 -10.86
N1 DN1 E . 15.39 5.28 15.84
C2 DN1 E . 15.82 6.67 15.38
C1 DN1 E . 14.62 7.67 15.55
O2 DN1 E . 13.78 7.86 14.65
N3 DN1 E . 14.53 8.36 16.71
C4 DN1 E . 14.11 9.75 16.72
C5 DN1 E . 13.70 10.25 18.09
C6 DN1 E . 12.49 8.14 18.74
C7 DN1 E . 13.50 9.55 20.53
C8 DN1 E . 13.65 9.07 19.10
C9 DN1 E . 13.78 10.52 15.50
O10 DN1 E . 14.58 11.06 14.71
N11 DN1 E . 12.43 10.63 15.10
C12 DN1 E . 12.23 11.35 13.79
C13 DN1 E . 13.54 11.37 13.00
C14 DN1 E . 13.77 10.44 11.85
F15 DN1 E . 13.00 9.52 11.64
F16 DN1 E . 14.87 9.88 11.95
C17 DN1 E . 11.62 12.82 14.07
C18 DN1 E . 12.30 13.85 13.06
O19 DN1 E . 13.53 13.78 12.77
O20 DN1 E . 11.53 14.70 12.51
O21 DN1 E . 11.99 13.25 15.39
C22 DN1 E . 16.18 6.50 13.85
C23 DN1 E . 17.12 7.03 16.16
C24 DN1 E . 16.35 4.90 16.80
C25 DN1 E . 17.35 5.82 17.02
C26 DN1 E . 16.33 3.69 17.46
C27 DN1 E . 18.37 5.58 17.94
C28 DN1 E . 18.36 4.35 18.63
C29 DN1 E . 17.34 3.41 18.39
C30 DN1 E . 17.23 7.53 13.46
C31 DN1 E . 17.07 8.96 13.59
C32 DN1 E . 18.28 9.64 13.57
S33 DN1 E . 19.60 8.58 13.40
C34 DN1 E . 18.58 7.22 13.36
C35 DN1 E . 19.01 5.81 13.36
O36 DN1 E . 20.26 5.68 13.21
O37 DN1 E . 18.09 4.96 13.51
N1 DN2 F . -11.90 -23.38 0.71
C2 DN2 F . -12.60 -22.91 -0.58
C1 DN2 F . -11.52 -22.73 -1.71
O2 DN2 F . -10.97 -21.60 -1.78
N3 DN2 F . -11.18 -23.75 -2.56
C4 DN2 F . -10.50 -23.47 -3.84
C5 DN2 F . -10.39 -24.74 -4.71
C6 DN2 F . -9.99 -27.29 -4.69
C7 DN2 F . -8.44 -25.68 -3.44
C8 DN2 F . -9.86 -25.97 -3.93
C9 DN2 F . -11.31 -22.40 -4.61
O10 DN2 F . -12.55 -22.39 -4.58
N11 DN2 F . -10.53 -21.28 -4.90
C12 DN2 F . -10.96 -20.26 -5.85
C13 DN2 F . -11.01 -18.79 -5.40
C14 DN2 F . -11.63 -18.55 -4.04
F15 DN2 F . -12.83 -18.82 -4.11
F16 DN2 F . -11.18 -19.38 -3.26
C17 DN2 F . -10.32 -20.43 -7.33
C18 DN2 F . -11.37 -19.54 -8.18
O19 DN2 F . -12.55 -19.99 -8.24
O20 DN2 F . -10.88 -18.49 -8.65
O21 DN2 F . -10.65 -21.79 -7.78
C22 DN2 F . -13.15 -21.51 -0.14
C23 DN2 F . -13.78 -23.88 -0.83
C24 DN2 F . -12.64 -24.49 1.15
C25 DN2 F . -13.71 -24.80 0.34
C26 DN2 F . -12.36 -25.20 2.29
C27 DN2 F . -14.56 -25.87 0.65
C28 DN2 F . -14.28 -26.61 1.79
C29 DN2 F . -13.19 -26.28 2.61
C30 DN2 F . -14.33 -20.93 -0.92
C31 DN2 F . -14.43 -21.00 -2.35
C32 DN2 F . -15.72 -21.14 -2.82
S33 DN2 F . -16.84 -21.20 -1.54
C34 DN2 F . -15.62 -21.03 -0.38
C35 DN2 F . -15.78 -21.29 1.07
O36 DN2 F . -14.69 -21.17 1.73
O37 DN2 F . -16.91 -21.60 1.51
#